data_5IZP
#
_entry.id   5IZP
#
_entity_poly.entity_id   1
_entity_poly.type   'polydeoxyribonucleotide'
_entity_poly.pdbx_seq_one_letter_code
;(DC)(DG)(DC)(DG)(DA)(DA)(DT)(DT)(DC)(8OG)(DC)(DG)
;
_entity_poly.pdbx_strand_id   A,B
#